data_2I7E
#
_entry.id   2I7E
#
_cell.length_a   1.000
_cell.length_b   1.000
_cell.length_c   1.000
_cell.angle_alpha   90.00
_cell.angle_beta   90.00
_cell.angle_gamma   90.00
#
_symmetry.space_group_name_H-M   'P 1'
#
loop_
_entity.id
_entity.type
_entity.pdbx_description
1 polymer 43-MER
2 non-polymer 'COBALT HEXAMMINE(III)'
#
_entity_poly.entity_id   1
_entity_poly.type   'polyribonucleotide'
_entity_poly.pdbx_seq_one_letter_code
;GGGAUAUGGAAGAACCGGGGAAACUUGGUUCUUCCUAAGUCCU
;
_entity_poly.pdbx_strand_id   A,B
#